data_6KBS
#
_entry.id   6KBS
#
_cell.length_a   91.890
_cell.length_b   50.322
_cell.length_c   54.531
_cell.angle_alpha   90.000
_cell.angle_beta   99.080
_cell.angle_gamma   90.000
#
_symmetry.space_group_name_H-M   'C 1 2 1'
#
loop_
_entity.id
_entity.type
_entity.pdbx_description
1 polymer 'SOS response-associated protein'
2 polymer "DNA (5'-D(*CP*GP*GP*TP*CP*GP*AP*TP*TP*C)-3')"
3 water water
#
loop_
_entity_poly.entity_id
_entity_poly.type
_entity_poly.pdbx_seq_one_letter_code
_entity_poly.pdbx_strand_id
1 'polypeptide(L)'
;CGRFAQSQTREDYLALLAEDIERDIPYDPEPIGRYNVAPGTKVLLLSERDEHLHLDPVFWGYAPGWWDKPPLINARVETA
ATSRMFKPLWQHGRAICFADGWFEWKKEGDKKQPFFIYRADGQPIFMAAIGSTPFERGDEAEGFLIVTAAADQGLVDIHD
RRPLVLSPEAAREWMRQEISGKEASEIAASGCVPANQFSWHPVSRAVGNVKNQGAELIQPVLEVLFQ
;
B
2 'polydeoxyribonucleotide' (DC)(DG)(DG)(DT)(DC)(DG)(DA)(DT)(DT)(DC) D
#
loop_
_chem_comp.id
_chem_comp.type
_chem_comp.name
_chem_comp.formula
DA DNA linking 2'-DEOXYADENOSINE-5'-MONOPHOSPHATE 'C10 H14 N5 O6 P'
DC DNA linking 2'-DEOXYCYTIDINE-5'-MONOPHOSPHATE 'C9 H14 N3 O7 P'
DG DNA linking 2'-DEOXYGUANOSINE-5'-MONOPHOSPHATE 'C10 H14 N5 O7 P'
DT DNA linking THYMIDINE-5'-MONOPHOSPHATE 'C10 H15 N2 O8 P'
#
# COMPACT_ATOMS: atom_id res chain seq x y z
N CYS A 1 3.91 -4.96 3.38
N CYS A 1 5.18 -6.58 2.85
CA CYS A 1 4.69 -5.44 2.23
CA CYS A 1 4.67 -5.37 2.21
C CYS A 1 5.79 -4.47 1.85
C CYS A 1 5.79 -4.43 1.81
N GLY A 2 6.74 -4.95 1.05
CA GLY A 2 7.86 -4.13 0.63
C GLY A 2 8.00 -4.04 -0.87
N ARG A 3 6.93 -4.36 -1.60
CA ARG A 3 6.92 -4.28 -3.05
C ARG A 3 5.49 -4.41 -3.53
N PHE A 4 5.12 -3.60 -4.52
CA PHE A 4 3.78 -3.73 -5.09
C PHE A 4 3.78 -3.19 -6.51
N ALA A 5 2.61 -3.29 -7.17
CA ALA A 5 2.43 -2.81 -8.52
C ALA A 5 1.42 -1.67 -8.51
N GLN A 6 1.72 -0.61 -9.28
CA GLN A 6 0.83 0.55 -9.44
C GLN A 6 0.94 0.93 -10.91
N SER A 7 0.22 0.19 -11.77
CA SER A 7 0.52 0.20 -13.19
C SER A 7 -0.54 0.88 -14.07
N GLN A 8 -1.74 1.12 -13.56
CA GLN A 8 -2.82 1.56 -14.43
C GLN A 8 -3.01 3.08 -14.29
N THR A 9 -4.07 3.59 -14.92
CA THR A 9 -4.31 5.03 -14.93
C THR A 9 -4.84 5.50 -13.58
N ARG A 10 -4.57 6.77 -13.26
CA ARG A 10 -5.17 7.43 -12.09
C ARG A 10 -6.68 7.24 -12.05
N GLU A 11 -7.34 7.42 -13.19
CA GLU A 11 -8.80 7.36 -13.15
C GLU A 11 -9.30 5.95 -12.88
N ASP A 12 -8.51 4.92 -13.18
CA ASP A 12 -8.93 3.56 -12.83
C ASP A 12 -9.07 3.40 -11.33
N TYR A 13 -8.08 3.87 -10.58
CA TYR A 13 -8.17 3.79 -9.13
C TYR A 13 -9.20 4.77 -8.58
N LEU A 14 -9.24 5.99 -9.13
CA LEU A 14 -10.10 7.02 -8.55
C LEU A 14 -11.57 6.73 -8.78
N ALA A 15 -11.91 6.11 -9.91
CA ALA A 15 -13.31 5.78 -10.16
C ALA A 15 -13.86 4.79 -9.15
N LEU A 16 -13.03 3.83 -8.74
CA LEU A 16 -13.45 2.84 -7.74
C LEU A 16 -13.54 3.49 -6.36
N LEU A 17 -12.60 4.38 -6.04
CA LEU A 17 -12.66 5.09 -4.76
C LEU A 17 -13.95 5.88 -4.63
N ALA A 18 -14.43 6.44 -5.73
CA ALA A 18 -15.75 7.09 -5.81
C ALA A 18 -15.90 8.20 -4.76
N GLU A 19 -14.90 9.07 -4.68
CA GLU A 19 -14.99 10.20 -3.78
C GLU A 19 -16.07 11.18 -4.23
N ASP A 20 -16.73 11.78 -3.26
CA ASP A 20 -17.71 12.83 -3.52
C ASP A 20 -17.16 14.23 -3.30
N ILE A 21 -15.93 14.35 -2.80
CA ILE A 21 -15.36 15.66 -2.53
C ILE A 21 -14.65 16.18 -3.77
N GLU A 22 -14.32 17.47 -3.76
CA GLU A 22 -13.61 18.09 -4.86
C GLU A 22 -12.27 17.40 -5.07
N ARG A 23 -11.93 17.21 -6.33
CA ARG A 23 -10.71 16.50 -6.72
C ARG A 23 -9.73 17.53 -7.29
N ASP A 24 -8.57 17.66 -6.66
CA ASP A 24 -7.49 18.52 -7.16
C ASP A 24 -6.43 17.69 -7.86
N ILE A 25 -6.88 16.92 -8.85
CA ILE A 25 -6.05 15.95 -9.57
C ILE A 25 -6.42 16.07 -11.04
N PRO A 26 -5.58 16.64 -11.90
CA PRO A 26 -5.97 16.83 -13.30
C PRO A 26 -6.14 15.49 -14.02
N TYR A 27 -6.96 15.51 -15.05
CA TYR A 27 -7.19 14.32 -15.86
C TYR A 27 -5.90 13.87 -16.52
N ASP A 28 -5.56 12.61 -16.33
CA ASP A 28 -4.36 12.03 -16.93
C ASP A 28 -4.64 10.57 -17.26
N PRO A 29 -4.85 10.24 -18.53
CA PRO A 29 -5.13 8.85 -18.90
C PRO A 29 -3.89 7.98 -19.06
N GLU A 30 -2.70 8.52 -18.84
CA GLU A 30 -1.52 7.71 -19.08
C GLU A 30 -1.34 6.71 -17.94
N PRO A 31 -1.12 5.43 -18.23
CA PRO A 31 -0.87 4.47 -17.16
C PRO A 31 0.35 4.86 -16.35
N ILE A 32 0.28 4.65 -15.03
CA ILE A 32 1.43 4.95 -14.19
C ILE A 32 2.59 4.03 -14.54
N GLY A 33 2.29 2.79 -14.91
CA GLY A 33 3.24 1.90 -15.55
C GLY A 33 4.25 1.22 -14.64
N ARG A 34 4.08 1.28 -13.33
CA ARG A 34 5.05 0.70 -12.40
C ARG A 34 4.60 -0.67 -11.95
N TYR A 35 5.37 -1.69 -12.32
CA TYR A 35 5.06 -3.05 -11.92
C TYR A 35 5.94 -3.55 -10.78
N ASN A 36 6.89 -2.73 -10.30
CA ASN A 36 7.84 -3.14 -9.29
C ASN A 36 8.19 -1.91 -8.44
N VAL A 37 7.22 -1.44 -7.66
CA VAL A 37 7.36 -0.25 -6.83
C VAL A 37 8.16 -0.61 -5.59
N ALA A 38 9.29 0.09 -5.40
CA ALA A 38 10.24 -0.26 -4.35
C ALA A 38 10.34 0.81 -3.27
N PRO A 39 10.66 0.40 -2.05
CA PRO A 39 10.92 1.37 -0.98
C PRO A 39 11.99 2.36 -1.42
N GLY A 40 11.93 3.57 -0.86
CA GLY A 40 12.93 4.57 -1.15
C GLY A 40 12.72 5.32 -2.44
N THR A 41 11.61 5.08 -3.14
CA THR A 41 11.25 5.85 -4.32
C THR A 41 10.07 6.72 -3.96
N LYS A 42 9.85 7.76 -4.76
CA LYS A 42 8.60 8.52 -4.69
C LYS A 42 7.46 7.70 -5.28
N VAL A 43 6.35 7.65 -4.57
CA VAL A 43 5.15 6.91 -4.98
C VAL A 43 3.97 7.87 -4.95
N LEU A 44 3.13 7.81 -5.99
CA LEU A 44 1.91 8.62 -5.98
C LEU A 44 1.02 8.17 -4.83
N LEU A 45 0.62 9.12 -3.97
CA LEU A 45 -0.07 8.87 -2.70
C LEU A 45 -1.29 9.77 -2.61
N LEU A 46 -2.44 9.20 -2.27
CA LEU A 46 -3.69 9.96 -2.14
C LEU A 46 -3.84 10.48 -0.71
N SER A 47 -4.28 11.72 -0.58
CA SER A 47 -4.60 12.26 0.73
C SER A 47 -5.64 13.35 0.56
N GLU A 48 -6.21 13.78 1.69
CA GLU A 48 -7.26 14.80 1.70
C GLU A 48 -6.80 15.95 2.57
N ARG A 49 -6.71 17.15 1.98
CA ARG A 49 -6.41 18.37 2.71
C ARG A 49 -7.36 19.47 2.22
N ASP A 50 -7.73 20.35 3.15
CA ASP A 50 -8.69 21.42 2.86
C ASP A 50 -9.97 20.89 2.23
N GLU A 51 -10.36 19.68 2.63
CA GLU A 51 -11.57 18.99 2.14
C GLU A 51 -11.49 18.65 0.64
N HIS A 52 -10.27 18.58 0.11
CA HIS A 52 -10.05 18.25 -1.29
C HIS A 52 -9.13 17.03 -1.40
N LEU A 53 -9.34 16.24 -2.45
CA LEU A 53 -8.52 15.07 -2.71
C LEU A 53 -7.27 15.46 -3.49
N HIS A 54 -6.11 15.01 -3.02
CA HIS A 54 -4.83 15.30 -3.66
C HIS A 54 -4.07 14.01 -3.94
N LEU A 55 -3.23 14.06 -4.98
CA LEU A 55 -2.34 12.96 -5.35
C LEU A 55 -0.94 13.54 -5.45
N ASP A 56 -0.05 13.13 -4.55
CA ASP A 56 1.30 13.70 -4.51
C ASP A 56 2.32 12.58 -4.58
N PRO A 57 3.47 12.82 -5.21
CA PRO A 57 4.57 11.85 -5.13
C PRO A 57 5.26 11.98 -3.78
N VAL A 58 5.22 10.90 -2.98
CA VAL A 58 5.76 10.92 -1.63
C VAL A 58 6.78 9.79 -1.48
N PHE A 59 7.89 10.11 -0.84
N PHE A 59 7.90 10.09 -0.85
CA PHE A 59 8.92 9.11 -0.51
CA PHE A 59 8.89 9.04 -0.69
C PHE A 59 8.33 7.96 0.30
C PHE A 59 8.36 7.97 0.25
N TRP A 60 8.57 6.72 -0.15
CA TRP A 60 8.16 5.55 0.64
C TRP A 60 9.28 5.23 1.63
N GLY A 61 9.06 5.59 2.87
CA GLY A 61 10.05 5.45 3.94
C GLY A 61 9.92 6.59 4.91
N TYR A 62 10.27 6.32 6.16
CA TYR A 62 10.08 7.28 7.24
C TYR A 62 11.27 7.18 8.18
N ALA A 63 12.03 8.27 8.27
CA ALA A 63 13.23 8.32 9.13
C ALA A 63 13.40 9.73 9.66
N PRO A 64 12.85 10.03 10.84
CA PRO A 64 13.14 11.31 11.48
C PRO A 64 14.63 11.47 11.76
N GLY A 65 15.05 12.72 12.00
CA GLY A 65 16.46 12.96 12.24
C GLY A 65 17.01 12.17 13.41
N TRP A 66 16.18 11.89 14.41
CA TRP A 66 16.61 11.16 15.59
C TRP A 66 16.66 9.65 15.37
N TRP A 67 16.22 9.17 14.22
CA TRP A 67 16.18 7.74 13.90
C TRP A 67 17.48 7.34 13.22
N ASP A 68 18.25 6.47 13.86
CA ASP A 68 19.57 6.08 13.38
C ASP A 68 19.61 4.67 12.79
N LYS A 69 18.52 4.25 12.16
CA LYS A 69 18.42 2.98 11.47
C LYS A 69 17.88 3.21 10.07
N PRO A 70 17.85 2.20 9.21
CA PRO A 70 17.25 2.39 7.90
C PRO A 70 15.81 2.85 8.02
N PRO A 71 15.32 3.64 7.07
CA PRO A 71 13.94 4.14 7.17
C PRO A 71 12.93 3.00 7.27
N LEU A 72 11.94 3.20 8.11
CA LEU A 72 10.87 2.24 8.23
C LEU A 72 9.92 2.40 7.04
N ILE A 73 9.38 1.29 6.56
CA ILE A 73 8.48 1.34 5.42
C ILE A 73 7.10 0.79 5.73
N ASN A 74 6.92 0.13 6.88
CA ASN A 74 5.64 -0.40 7.33
C ASN A 74 5.41 0.02 8.77
N ALA A 75 4.14 0.09 9.17
CA ALA A 75 3.74 0.32 10.54
C ALA A 75 2.68 -0.72 10.90
N ARG A 76 2.85 -1.41 12.02
CA ARG A 76 1.95 -2.50 12.38
C ARG A 76 0.62 -1.95 12.92
N VAL A 77 -0.49 -2.41 12.35
CA VAL A 77 -1.79 -1.91 12.79
C VAL A 77 -2.04 -2.22 14.27
N GLU A 78 -1.40 -3.28 14.79
CA GLU A 78 -1.64 -3.68 16.17
C GLU A 78 -1.21 -2.59 17.15
N THR A 79 -0.18 -1.82 16.81
CA THR A 79 0.45 -0.90 17.75
C THR A 79 0.60 0.54 17.26
N ALA A 80 0.38 0.83 15.97
CA ALA A 80 0.76 2.14 15.42
C ALA A 80 -0.02 3.29 16.06
N ALA A 81 -1.29 3.07 16.44
CA ALA A 81 -2.09 4.17 16.95
C ALA A 81 -1.60 4.67 18.30
N THR A 82 -0.88 3.85 19.06
CA THR A 82 -0.35 4.23 20.36
C THR A 82 1.17 4.30 20.37
N SER A 83 1.82 4.05 19.25
CA SER A 83 3.27 4.14 19.18
C SER A 83 3.73 5.58 19.41
N ARG A 84 4.73 5.77 20.27
CA ARG A 84 5.30 7.11 20.41
C ARG A 84 5.77 7.65 19.07
N MET A 85 6.32 6.78 18.21
CA MET A 85 6.79 7.19 16.89
C MET A 85 5.62 7.43 15.92
N PHE A 86 4.67 6.50 15.88
CA PHE A 86 3.67 6.53 14.82
C PHE A 86 2.39 7.29 15.17
N LYS A 87 2.14 7.54 16.47
CA LYS A 87 0.88 8.18 16.86
C LYS A 87 0.58 9.48 16.12
N PRO A 88 1.51 10.43 15.98
CA PRO A 88 1.19 11.65 15.23
C PRO A 88 0.80 11.39 13.79
N LEU A 89 1.41 10.37 13.16
CA LEU A 89 1.09 10.05 11.77
C LEU A 89 -0.27 9.40 11.67
N TRP A 90 -0.59 8.54 12.64
CA TRP A 90 -1.91 7.92 12.72
C TRP A 90 -3.00 8.97 12.91
N GLN A 91 -2.69 10.04 13.63
CA GLN A 91 -3.68 11.06 13.96
C GLN A 91 -3.88 12.04 12.82
N HIS A 92 -2.79 12.49 12.20
CA HIS A 92 -2.84 13.60 11.26
C HIS A 92 -2.31 13.29 9.88
N GLY A 93 -1.67 12.14 9.67
CA GLY A 93 -0.98 11.87 8.43
C GLY A 93 -1.51 10.66 7.69
N ARG A 94 -2.80 10.37 7.84
CA ARG A 94 -3.35 9.22 7.15
C ARG A 94 -3.50 9.51 5.65
N ALA A 95 -3.30 8.47 4.86
CA ALA A 95 -3.26 8.57 3.41
C ALA A 95 -3.63 7.21 2.83
N ILE A 96 -3.74 7.16 1.50
CA ILE A 96 -4.08 5.93 0.79
C ILE A 96 -3.10 5.74 -0.36
N CYS A 97 -2.56 4.53 -0.48
CA CYS A 97 -1.73 4.18 -1.63
C CYS A 97 -2.48 3.15 -2.46
N PHE A 98 -2.91 3.55 -3.67
CA PHE A 98 -3.62 2.56 -4.47
C PHE A 98 -2.64 1.69 -5.24
N ALA A 99 -3.10 0.51 -5.65
CA ALA A 99 -2.23 -0.46 -6.27
C ALA A 99 -3.06 -1.53 -6.97
N ASP A 100 -2.41 -2.28 -7.84
CA ASP A 100 -3.06 -3.42 -8.49
C ASP A 100 -3.02 -4.68 -7.64
N GLY A 101 -2.09 -4.74 -6.69
CA GLY A 101 -1.79 -5.94 -5.94
C GLY A 101 -0.39 -5.74 -5.38
N TRP A 102 0.05 -6.71 -4.58
CA TRP A 102 1.37 -6.58 -3.98
C TRP A 102 2.14 -7.90 -4.08
N PHE A 103 3.43 -7.85 -3.80
CA PHE A 103 4.28 -9.04 -3.87
C PHE A 103 4.66 -9.49 -2.48
N GLU A 104 4.78 -10.81 -2.31
CA GLU A 104 5.34 -11.43 -1.11
C GLU A 104 6.27 -12.55 -1.53
N TRP A 105 7.28 -12.83 -0.71
CA TRP A 105 8.25 -13.87 -0.99
C TRP A 105 8.07 -15.00 0.01
N LYS A 106 7.81 -16.19 -0.50
CA LYS A 106 7.55 -17.37 0.31
C LYS A 106 8.85 -18.15 0.41
N LYS A 107 9.40 -18.23 1.62
CA LYS A 107 10.61 -19.00 1.86
C LYS A 107 10.31 -20.49 1.67
N GLU A 108 10.92 -21.09 0.66
CA GLU A 108 10.66 -22.49 0.36
C GLU A 108 11.94 -23.32 0.57
N GLY A 109 12.59 -23.10 1.71
CA GLY A 109 13.84 -23.76 2.02
C GLY A 109 14.92 -22.74 2.31
N ASP A 110 15.95 -22.70 1.47
CA ASP A 110 16.85 -21.57 1.37
C ASP A 110 16.58 -20.76 0.11
N LYS A 111 15.40 -20.96 -0.48
CA LYS A 111 15.00 -20.40 -1.76
C LYS A 111 13.67 -19.68 -1.54
N LYS A 112 13.58 -18.43 -1.98
CA LYS A 112 12.35 -17.65 -1.81
C LYS A 112 11.64 -17.51 -3.14
N GLN A 113 10.34 -17.78 -3.14
CA GLN A 113 9.52 -17.72 -4.34
C GLN A 113 8.59 -16.53 -4.24
N PRO A 114 8.65 -15.57 -5.16
CA PRO A 114 7.72 -14.44 -5.14
C PRO A 114 6.33 -14.84 -5.62
N PHE A 115 5.33 -14.26 -4.95
CA PHE A 115 3.94 -14.37 -5.34
C PHE A 115 3.38 -12.97 -5.57
N PHE A 116 2.45 -12.86 -6.51
CA PHE A 116 1.69 -11.63 -6.70
C PHE A 116 0.30 -11.87 -6.14
N ILE A 117 -0.17 -10.94 -5.33
CA ILE A 117 -1.45 -11.08 -4.62
C ILE A 117 -2.38 -9.95 -5.04
N TYR A 118 -3.62 -10.29 -5.32
CA TYR A 118 -4.52 -9.29 -5.86
C TYR A 118 -5.95 -9.74 -5.57
N ARG A 119 -6.90 -8.82 -5.73
CA ARG A 119 -8.29 -9.14 -5.45
C ARG A 119 -8.86 -10.18 -6.42
N ALA A 120 -9.56 -11.18 -5.87
CA ALA A 120 -10.13 -12.21 -6.71
C ALA A 120 -11.16 -11.64 -7.68
N ASP A 121 -11.82 -10.53 -7.31
CA ASP A 121 -12.84 -9.97 -8.18
C ASP A 121 -12.26 -9.05 -9.26
N GLY A 122 -10.93 -8.93 -9.34
CA GLY A 122 -10.30 -8.19 -10.41
C GLY A 122 -10.12 -6.71 -10.15
N GLN A 123 -10.61 -6.19 -9.03
CA GLN A 123 -10.53 -4.77 -8.75
C GLN A 123 -9.17 -4.42 -8.15
N PRO A 124 -8.74 -3.17 -8.29
CA PRO A 124 -7.52 -2.73 -7.60
C PRO A 124 -7.79 -2.53 -6.12
N ILE A 125 -6.70 -2.26 -5.37
CA ILE A 125 -6.76 -2.16 -3.91
C ILE A 125 -6.36 -0.77 -3.45
N PHE A 126 -6.84 -0.44 -2.25
CA PHE A 126 -6.48 0.77 -1.52
C PHE A 126 -5.75 0.35 -0.26
N MET A 127 -4.45 0.64 -0.18
CA MET A 127 -3.66 0.28 0.98
C MET A 127 -3.62 1.45 1.95
N ALA A 128 -3.89 1.18 3.23
CA ALA A 128 -3.84 2.21 4.25
C ALA A 128 -2.40 2.64 4.47
N ALA A 129 -2.18 3.95 4.50
CA ALA A 129 -0.85 4.51 4.72
C ALA A 129 -0.92 5.57 5.81
N ILE A 130 0.22 5.78 6.48
CA ILE A 130 0.39 6.92 7.36
C ILE A 130 1.73 7.57 7.01
N GLY A 131 1.81 8.88 7.23
CA GLY A 131 3.02 9.57 6.80
C GLY A 131 3.07 10.99 7.33
N SER A 132 4.11 11.70 6.89
CA SER A 132 4.44 13.03 7.44
C SER A 132 3.79 14.11 6.58
N THR A 133 2.80 14.80 7.14
CA THR A 133 2.26 15.95 6.45
C THR A 133 3.12 17.18 6.72
N PRO A 134 3.12 18.16 5.81
CA PRO A 134 2.45 18.21 4.50
C PRO A 134 3.13 17.35 3.44
N PHE A 135 2.33 16.49 2.79
CA PHE A 135 2.87 15.56 1.81
C PHE A 135 3.43 16.25 0.59
N GLU A 136 2.92 17.44 0.26
CA GLU A 136 3.33 18.10 -0.98
C GLU A 136 4.72 18.71 -0.89
N ARG A 137 5.37 18.69 0.28
CA ARG A 137 6.68 19.32 0.39
C ARG A 137 7.81 18.46 -0.19
N GLY A 138 7.55 17.20 -0.52
CA GLY A 138 8.55 16.37 -1.16
C GLY A 138 9.72 16.02 -0.26
N ASP A 139 9.44 15.70 1.00
CA ASP A 139 10.49 15.40 1.96
C ASP A 139 11.24 14.14 1.58
N GLU A 140 12.58 14.19 1.72
CA GLU A 140 13.42 13.08 1.27
C GLU A 140 13.59 12.00 2.33
N ALA A 141 13.21 12.28 3.57
CA ALA A 141 13.43 11.37 4.69
C ALA A 141 12.14 10.97 5.38
N GLU A 142 11.21 11.89 5.53
CA GLU A 142 9.95 11.66 6.22
C GLU A 142 8.85 11.61 5.17
N GLY A 143 8.57 10.40 4.68
CA GLY A 143 7.56 10.17 3.68
C GLY A 143 6.36 9.42 4.26
N PHE A 144 6.00 8.28 3.69
CA PHE A 144 4.90 7.48 4.21
C PHE A 144 5.34 6.04 4.47
N LEU A 145 4.48 5.34 5.20
CA LEU A 145 4.59 3.92 5.47
C LEU A 145 3.29 3.25 5.09
N ILE A 146 3.36 1.98 4.68
CA ILE A 146 2.16 1.17 4.47
C ILE A 146 1.83 0.45 5.78
N VAL A 147 0.59 0.60 6.23
CA VAL A 147 0.15 -0.09 7.43
C VAL A 147 0.00 -1.59 7.14
N THR A 148 0.46 -2.44 8.06
CA THR A 148 0.36 -3.88 7.89
C THR A 148 -0.51 -4.52 8.96
N ALA A 149 -0.97 -5.74 8.65
CA ALA A 149 -1.78 -6.53 9.55
C ALA A 149 -1.29 -7.98 9.51
N ALA A 150 -1.73 -8.76 10.51
CA ALA A 150 -1.47 -10.19 10.48
C ALA A 150 -2.12 -10.83 9.26
N ALA A 151 -1.38 -11.72 8.62
CA ALA A 151 -1.94 -12.50 7.53
C ALA A 151 -3.00 -13.46 8.06
N ASP A 152 -4.14 -13.51 7.39
CA ASP A 152 -5.26 -14.34 7.79
C ASP A 152 -5.51 -15.41 6.73
N GLN A 153 -6.19 -16.48 7.15
CA GLN A 153 -6.66 -17.52 6.23
C GLN A 153 -5.56 -17.97 5.27
N GLY A 154 -5.82 -17.90 3.97
CA GLY A 154 -4.87 -18.47 3.02
C GLY A 154 -3.53 -17.75 2.98
N LEU A 155 -3.51 -16.47 3.36
CA LEU A 155 -2.31 -15.67 3.14
C LEU A 155 -1.17 -16.04 4.08
N VAL A 156 -1.49 -16.59 5.25
CA VAL A 156 -0.43 -16.92 6.20
C VAL A 156 0.49 -18.01 5.65
N ASP A 157 0.00 -18.80 4.69
CA ASP A 157 0.86 -19.80 4.07
C ASP A 157 2.00 -19.15 3.30
N ILE A 158 1.72 -18.02 2.65
CA ILE A 158 2.74 -17.33 1.86
C ILE A 158 3.69 -16.58 2.79
N HIS A 159 3.14 -15.80 3.71
CA HIS A 159 3.93 -14.92 4.55
C HIS A 159 3.06 -14.45 5.71
N ASP A 160 3.70 -14.05 6.80
CA ASP A 160 3.00 -13.84 8.07
C ASP A 160 2.36 -12.47 8.23
N ARG A 161 2.68 -11.50 7.36
CA ARG A 161 2.06 -10.18 7.39
C ARG A 161 1.45 -9.88 6.03
N ARG A 162 0.59 -8.86 6.00
CA ARG A 162 -0.06 -8.40 4.78
C ARG A 162 -0.31 -6.91 4.92
N PRO A 163 -0.47 -6.19 3.81
CA PRO A 163 -0.91 -4.79 3.92
C PRO A 163 -2.33 -4.72 4.44
N LEU A 164 -2.60 -3.65 5.18
CA LEU A 164 -3.98 -3.32 5.52
C LEU A 164 -4.64 -2.76 4.27
N VAL A 165 -5.49 -3.54 3.64
CA VAL A 165 -6.22 -3.14 2.44
C VAL A 165 -7.62 -2.75 2.88
N LEU A 166 -8.08 -1.58 2.42
CA LEU A 166 -9.39 -1.04 2.80
C LEU A 166 -10.35 -1.06 1.62
N SER A 167 -11.61 -1.43 1.88
CA SER A 167 -12.63 -1.31 0.85
C SER A 167 -12.80 0.17 0.52
N PRO A 168 -13.31 0.48 -0.67
CA PRO A 168 -13.37 1.91 -1.08
C PRO A 168 -14.05 2.81 -0.07
N GLU A 169 -15.18 2.38 0.52
CA GLU A 169 -15.84 3.24 1.47
C GLU A 169 -14.97 3.50 2.69
N ALA A 170 -14.15 2.53 3.10
CA ALA A 170 -13.26 2.73 4.24
C ALA A 170 -12.05 3.56 3.87
N ALA A 171 -11.56 3.43 2.64
CA ALA A 171 -10.47 4.30 2.17
C ALA A 171 -10.89 5.77 2.19
N ARG A 172 -12.14 6.05 1.80
CA ARG A 172 -12.64 7.42 1.89
C ARG A 172 -12.68 7.90 3.34
N GLU A 173 -13.21 7.08 4.23
CA GLU A 173 -13.31 7.44 5.64
C GLU A 173 -11.93 7.65 6.24
N TRP A 174 -10.98 6.78 5.89
CA TRP A 174 -9.64 6.84 6.46
C TRP A 174 -8.97 8.20 6.21
N MET A 175 -9.18 8.77 5.03
CA MET A 175 -8.47 9.99 4.67
C MET A 175 -9.05 11.25 5.30
N ARG A 176 -10.24 11.18 5.90
CA ARG A 176 -10.89 12.39 6.39
C ARG A 176 -10.17 12.96 7.61
N GLN A 177 -9.87 14.24 7.56
CA GLN A 177 -9.13 14.86 8.66
C GLN A 177 -9.97 15.04 9.90
N GLU A 178 -11.30 15.04 9.77
CA GLU A 178 -12.14 15.31 10.92
C GLU A 178 -12.19 14.16 11.91
N ILE A 179 -11.83 12.93 11.51
CA ILE A 179 -11.99 11.80 12.42
C ILE A 179 -10.78 11.70 13.35
N SER A 180 -11.01 11.11 14.51
CA SER A 180 -9.99 10.98 15.54
C SER A 180 -9.14 9.74 15.30
N GLY A 181 -8.03 9.65 16.03
CA GLY A 181 -7.22 8.44 15.97
C GLY A 181 -7.99 7.18 16.34
N LYS A 182 -8.86 7.26 17.35
CA LYS A 182 -9.64 6.09 17.73
C LYS A 182 -10.61 5.71 16.62
N GLU A 183 -11.22 6.72 15.98
CA GLU A 183 -12.10 6.45 14.85
C GLU A 183 -11.33 5.80 13.72
N ALA A 184 -10.09 6.24 13.47
CA ALA A 184 -9.28 5.62 12.44
C ALA A 184 -9.04 4.15 12.74
N SER A 185 -8.85 3.81 14.02
CA SER A 185 -8.67 2.42 14.41
C SER A 185 -9.93 1.60 14.13
N GLU A 186 -11.10 2.20 14.37
CA GLU A 186 -12.35 1.52 14.04
C GLU A 186 -12.52 1.35 12.54
N ILE A 187 -12.11 2.34 11.74
CA ILE A 187 -12.14 2.17 10.28
C ILE A 187 -11.20 1.06 9.85
N ALA A 188 -10.02 0.98 10.46
CA ALA A 188 -9.10 -0.09 10.10
C ALA A 188 -9.68 -1.45 10.41
N ALA A 189 -10.47 -1.56 11.49
CA ALA A 189 -11.04 -2.82 11.88
C ALA A 189 -12.30 -3.16 11.11
N SER A 190 -12.98 -2.15 10.56
N SER A 190 -12.98 -2.15 10.56
CA SER A 190 -14.25 -2.37 9.88
CA SER A 190 -14.25 -2.35 9.88
C SER A 190 -14.11 -2.48 8.37
C SER A 190 -14.09 -2.49 8.38
N GLY A 191 -13.09 -1.87 7.80
CA GLY A 191 -12.93 -1.85 6.36
C GLY A 191 -11.84 -2.74 5.81
N CYS A 192 -11.18 -3.51 6.67
N CYS A 192 -11.18 -3.55 6.66
CA CYS A 192 -10.15 -4.44 6.20
CA CYS A 192 -10.10 -4.40 6.17
C CYS A 192 -10.77 -5.48 5.29
C CYS A 192 -10.67 -5.56 5.35
N VAL A 193 -10.12 -5.75 4.16
CA VAL A 193 -10.59 -6.73 3.19
C VAL A 193 -10.02 -8.09 3.58
N PRO A 194 -10.85 -9.10 3.83
CA PRO A 194 -10.32 -10.39 4.29
C PRO A 194 -9.52 -11.12 3.21
N ALA A 195 -8.67 -12.05 3.66
CA ALA A 195 -7.78 -12.77 2.76
C ALA A 195 -8.53 -13.60 1.74
N ASN A 196 -9.69 -14.18 2.09
CA ASN A 196 -10.37 -14.98 1.09
C ASN A 196 -10.90 -14.16 -0.07
N GLN A 197 -10.76 -12.84 -0.04
CA GLN A 197 -11.11 -12.00 -1.18
C GLN A 197 -9.95 -11.83 -2.15
N PHE A 198 -8.80 -12.45 -1.87
CA PHE A 198 -7.62 -12.29 -2.72
C PHE A 198 -7.29 -13.60 -3.43
N SER A 199 -6.66 -13.47 -4.60
CA SER A 199 -6.04 -14.58 -5.31
C SER A 199 -4.54 -14.33 -5.33
N TRP A 200 -3.77 -15.41 -5.46
CA TRP A 200 -2.31 -15.27 -5.45
C TRP A 200 -1.68 -16.43 -6.18
N HIS A 201 -0.51 -16.17 -6.77
CA HIS A 201 0.17 -17.12 -7.63
C HIS A 201 1.63 -16.76 -7.72
N PRO A 202 2.50 -17.74 -7.97
CA PRO A 202 3.92 -17.43 -8.14
C PRO A 202 4.18 -16.61 -9.40
N VAL A 203 5.20 -15.74 -9.32
CA VAL A 203 5.65 -14.98 -10.48
C VAL A 203 7.12 -15.25 -10.70
N SER A 204 7.68 -14.69 -11.78
CA SER A 204 9.10 -14.86 -12.08
C SER A 204 9.96 -14.34 -10.94
N ARG A 205 11.05 -15.04 -10.65
CA ARG A 205 11.94 -14.56 -9.60
C ARG A 205 12.59 -13.23 -9.97
N ALA A 206 12.48 -12.79 -11.23
CA ALA A 206 13.10 -11.53 -11.65
C ALA A 206 12.57 -10.31 -10.89
N VAL A 207 11.35 -10.38 -10.35
CA VAL A 207 10.83 -9.22 -9.66
C VAL A 207 11.66 -8.89 -8.42
N GLY A 208 12.40 -9.87 -7.88
CA GLY A 208 13.16 -9.62 -6.68
C GLY A 208 14.11 -8.45 -6.83
N ASN A 209 14.72 -8.32 -8.01
CA ASN A 209 15.66 -7.24 -8.30
C ASN A 209 14.90 -6.00 -8.76
N VAL A 210 15.07 -4.88 -8.05
CA VAL A 210 14.31 -3.68 -8.36
C VAL A 210 14.69 -3.05 -9.68
N LYS A 211 15.80 -3.47 -10.29
CA LYS A 211 16.17 -2.99 -11.62
C LYS A 211 15.18 -3.46 -12.67
N ASN A 212 14.48 -4.56 -12.42
CA ASN A 212 13.59 -5.16 -13.41
C ASN A 212 12.22 -4.49 -13.31
N GLN A 213 11.69 -4.06 -14.47
CA GLN A 213 10.49 -3.24 -14.41
C GLN A 213 9.43 -3.61 -15.45
N GLY A 214 9.49 -4.80 -16.05
CA GLY A 214 8.53 -5.14 -17.09
C GLY A 214 7.13 -5.48 -16.57
N ALA A 215 6.14 -5.42 -17.48
CA ALA A 215 4.79 -5.84 -17.14
C ALA A 215 4.69 -7.34 -16.90
N GLU A 216 5.65 -8.13 -17.39
CA GLU A 216 5.66 -9.56 -17.14
C GLU A 216 5.86 -9.91 -15.68
N LEU A 217 6.27 -8.95 -14.85
CA LEU A 217 6.62 -9.25 -13.46
C LEU A 217 5.41 -9.67 -12.63
N ILE A 218 4.18 -9.33 -13.05
CA ILE A 218 3.01 -9.81 -12.32
C ILE A 218 2.38 -11.02 -13.00
N GLN A 219 2.86 -11.39 -14.18
CA GLN A 219 2.29 -12.51 -14.90
C GLN A 219 2.65 -13.83 -14.20
N PRO A 220 1.73 -14.79 -14.15
CA PRO A 220 1.95 -15.99 -13.35
C PRO A 220 2.80 -17.02 -14.09
N VAL A 221 3.39 -17.95 -13.32
CA VAL A 221 4.32 -18.94 -13.84
C VAL A 221 3.96 -20.31 -13.27
N LEU A 222 3.88 -21.30 -14.16
CA LEU A 222 3.63 -22.67 -13.74
C LEU A 222 4.95 -23.31 -13.32
N GLU A 223 4.99 -23.90 -12.12
CA GLU A 223 6.24 -24.27 -11.47
C GLU A 223 6.50 -25.77 -11.36
N VAL A 224 5.66 -26.63 -11.95
CA VAL A 224 5.92 -28.06 -11.83
C VAL A 224 7.29 -28.42 -12.45
N LEU A 225 7.95 -29.40 -11.84
CA LEU A 225 9.22 -29.93 -12.37
C LEU A 225 9.02 -30.63 -13.72
N PHE A 226 7.98 -31.45 -13.85
CA PHE A 226 7.77 -32.24 -15.05
C PHE A 226 6.80 -31.49 -15.96
N GLN A 227 7.36 -30.84 -16.98
CA GLN A 227 6.57 -30.15 -17.99
C GLN A 227 7.42 -29.89 -19.21
#